data_9I8B
#
_entry.id   9I8B
#
loop_
_entity.id
_entity.type
_entity.pdbx_description
1 polymer "RNA (5'-R(*AP*CP*UP*GP*GP*AP*CP*AP*AP*AP*UP*AP*CP*UP*CP*CP*GP*AP*GP*G)-3')"
2 polymer "RNA (5'-R(*CP*CP*UP*CP*GP*GP*AP*GP*UP*AP*UP*UP*UP*GP*UP*CP*CP*AP*GP*U)-3')"
#
loop_
_entity_poly.entity_id
_entity_poly.type
_entity_poly.pdbx_seq_one_letter_code
_entity_poly.pdbx_strand_id
1 'polyribonucleotide' ACUGGACAAAUACUCCGAGG A
2 'polyribonucleotide' CCUCGGAGUAUUUGUCCAGU B
#